data_7PJH
#
_entry.id   7PJH
#
_cell.length_a   145.280
_cell.length_b   57.260
_cell.length_c   111.230
_cell.angle_alpha   90.000
_cell.angle_beta   112.740
_cell.angle_gamma   90.000
#
_symmetry.space_group_name_H-M   'C 1 2 1'
#
loop_
_entity.id
_entity.type
_entity.pdbx_description
1 polymer 'Protein AAR2 homolog'
2 polymer 'Pre-mRNA-processing-splicing factor 8'
3 water water
#
loop_
_entity_poly.entity_id
_entity_poly.type
_entity_poly.pdbx_seq_one_letter_code
_entity_poly.pdbx_strand_id
1 'polypeptide(L)'
;MKHHHHHHPMSDYDIPTTENLYFQGAEFMAAVQMDPELAKRLFFEGATVVILNMPKGTEFGIDYNSWEVGPKFRGVKMIP
PGIHFLHYSSVDKANPKEVGPRMGFFLSLHQRGLTVLRWSTLREEVDLSPAPESEVEAMRANLQELDQFLGPYPYATLKK
WISLTNFISEATVEKLQPENRQICAFSDLPVLSMKHSSSRAGTEIRFSELPTQMFPERAGTEIRFSELPTQMFPEGATPA
EITKHSMDLSYALETVLNKQFPSSPQDVLGELQFAFVCFLLGNVYEAFEHWKRLLNLLCRSEAAMMKHHTLYINLISILY
HQLGEIPADFFVDIVSQDNFLTSTLQVFFSSACSIAVDATLRKKAEKFQAHLTKKFRWDFAAEPEDCAPVVVELPEGIEM
G
;
A
2 'polypeptide(L)'
;PTEPYLSSQNYGELFSNQIIWFVDDTNVYRVTIHKTFEGNLTTKPINGAIFIFNPRTGQLFLKIIHTSVWAGQKRLGQLA
KWKTAEEVAALIRSLPVEEQPKQIIVTRKGMLDPLEVHLLDFPNIVIKGSELQLPFQACLKVEKFGDLILKATEPQMVLF
NLYDDWLKTISSYTAFSRLILILRALHVNNDRAKVILKPDKTTITEPHHIWPTLTDEEWIKVEVQLKDLILADYGKKNNV
NVASLTQSEIRDIILGMEI
;
B
#
# COMPACT_ATOMS: atom_id res chain seq x y z
N LEU A 38 -5.91 -2.57 47.20
CA LEU A 38 -5.44 -1.73 46.10
C LEU A 38 -4.01 -2.05 45.71
N ALA A 39 -3.35 -1.13 45.01
CA ALA A 39 -2.01 -1.33 44.49
C ALA A 39 -0.93 -0.69 45.36
N LYS A 40 -1.20 -0.53 46.66
CA LYS A 40 -0.16 -0.06 47.57
C LYS A 40 0.93 -1.10 47.78
N ARG A 41 0.64 -2.38 47.49
CA ARG A 41 1.62 -3.45 47.64
C ARG A 41 2.87 -3.23 46.81
N LEU A 42 2.82 -2.34 45.82
CA LEU A 42 3.96 -2.09 44.96
C LEU A 42 5.05 -1.28 45.65
N PHE A 43 4.74 -0.62 46.76
CA PHE A 43 5.80 -0.04 47.56
C PHE A 43 6.78 -1.10 48.05
N PHE A 44 6.26 -2.22 48.55
CA PHE A 44 7.14 -3.29 49.01
C PHE A 44 7.60 -4.20 47.87
N GLU A 45 6.72 -4.49 46.92
CA GLU A 45 7.01 -5.53 45.96
C GLU A 45 7.49 -5.01 44.62
N GLY A 46 7.62 -3.70 44.48
CA GLY A 46 8.00 -3.13 43.21
C GLY A 46 9.49 -3.20 43.00
N ALA A 47 9.88 -2.99 41.77
CA ALA A 47 11.27 -2.93 41.39
C ALA A 47 11.78 -1.49 41.48
N THR A 48 13.09 -1.35 41.59
CA THR A 48 13.70 -0.03 41.75
C THR A 48 14.87 0.06 40.79
N VAL A 49 14.93 1.18 40.03
CA VAL A 49 16.08 1.50 39.18
C VAL A 49 16.74 2.79 39.67
N VAL A 50 18.04 2.72 39.96
CA VAL A 50 18.85 3.82 40.44
C VAL A 50 19.89 4.14 39.37
N ILE A 51 20.05 5.43 39.06
CA ILE A 51 21.03 5.88 38.07
C ILE A 51 22.03 6.82 38.74
N LEU A 52 23.31 6.48 38.65
CA LEU A 52 24.34 7.19 39.38
C LEU A 52 25.01 8.20 38.47
N ASN A 53 25.15 9.43 38.96
CA ASN A 53 26.03 10.43 38.36
C ASN A 53 25.48 10.97 37.04
N MET A 54 24.16 11.06 36.94
CA MET A 54 23.47 11.60 35.79
C MET A 54 23.47 13.13 35.85
N PRO A 55 23.80 13.83 34.76
CA PRO A 55 23.93 15.30 34.84
C PRO A 55 22.58 15.99 34.96
N LYS A 56 22.55 17.07 35.77
CA LYS A 56 21.36 17.89 35.91
C LYS A 56 20.86 18.31 34.53
N GLY A 57 19.56 18.23 34.32
CA GLY A 57 18.96 18.63 33.06
C GLY A 57 18.75 17.49 32.09
N THR A 58 19.44 16.37 32.25
CA THR A 58 19.17 15.19 31.44
C THR A 58 17.69 14.82 31.53
N GLU A 59 17.14 14.31 30.42
CA GLU A 59 15.80 13.72 30.39
C GLU A 59 15.89 12.23 30.64
N PHE A 60 15.17 11.72 31.64
CA PHE A 60 15.18 10.30 31.95
C PHE A 60 13.76 9.82 32.17
N GLY A 61 13.45 8.60 31.72
CA GLY A 61 12.11 8.07 31.89
C GLY A 61 12.03 6.57 31.76
N ILE A 62 10.84 6.05 32.11
CA ILE A 62 10.46 4.65 31.92
C ILE A 62 9.06 4.61 31.29
N ASP A 63 8.91 3.82 30.24
CA ASP A 63 7.60 3.69 29.56
C ASP A 63 7.11 5.10 29.23
N TYR A 64 5.86 5.46 29.53
CA TYR A 64 5.37 6.77 29.13
C TYR A 64 5.73 7.88 30.07
N ASN A 65 6.63 7.67 31.02
CA ASN A 65 6.85 8.58 32.14
C ASN A 65 8.23 9.21 32.04
N SER A 66 8.30 10.50 32.35
CA SER A 66 9.56 11.22 32.22
C SER A 66 9.75 12.08 33.45
N TRP A 67 11.03 12.28 33.81
CA TRP A 67 11.44 13.15 34.89
C TRP A 67 12.61 14.02 34.45
N GLU A 68 12.72 15.20 35.03
CA GLU A 68 13.90 16.00 34.78
C GLU A 68 14.91 15.65 35.86
N VAL A 69 16.16 15.49 35.46
CA VAL A 69 17.22 14.99 36.34
C VAL A 69 17.90 16.15 37.06
N GLY A 70 18.13 15.99 38.36
CA GLY A 70 18.92 16.89 39.17
C GLY A 70 19.36 16.16 40.41
N PRO A 71 20.01 16.87 41.35
CA PRO A 71 20.48 16.19 42.56
C PRO A 71 19.37 15.52 43.36
N LYS A 72 18.12 15.97 43.24
CA LYS A 72 17.01 15.45 44.02
C LYS A 72 16.34 14.25 43.35
N PHE A 73 16.87 13.77 42.26
CA PHE A 73 16.28 12.64 41.54
C PHE A 73 17.39 11.66 41.26
N ARG A 74 17.22 10.43 41.74
N ARG A 74 17.23 10.43 41.75
CA ARG A 74 18.19 9.35 41.62
CA ARG A 74 18.20 9.39 41.53
C ARG A 74 17.53 8.04 41.14
C ARG A 74 17.68 8.26 40.65
N GLY A 75 16.37 8.12 40.50
CA GLY A 75 15.81 6.98 39.80
C GLY A 75 14.35 6.79 40.14
N VAL A 76 13.90 5.53 40.06
CA VAL A 76 12.47 5.21 40.01
C VAL A 76 12.19 4.02 40.92
N LYS A 77 11.14 4.12 41.72
CA LYS A 77 10.72 3.08 42.64
C LYS A 77 9.33 2.59 42.27
N MET A 78 8.88 1.53 42.94
CA MET A 78 7.51 1.04 42.82
C MET A 78 7.18 0.66 41.37
N ILE A 79 8.17 0.16 40.66
CA ILE A 79 8.00 -0.24 39.26
C ILE A 79 7.38 -1.63 39.20
N PRO A 80 6.22 -1.81 38.57
CA PRO A 80 5.65 -3.16 38.43
C PRO A 80 6.64 -4.08 37.76
N PRO A 81 6.87 -5.26 38.32
CA PRO A 81 7.75 -6.22 37.67
C PRO A 81 7.29 -6.52 36.25
N GLY A 82 8.24 -6.74 35.36
CA GLY A 82 8.02 -7.12 33.99
C GLY A 82 9.06 -6.42 33.12
N ILE A 83 8.79 -6.42 31.80
CA ILE A 83 9.69 -5.77 30.85
C ILE A 83 9.30 -4.30 30.70
N HIS A 84 10.31 -3.42 30.70
CA HIS A 84 10.11 -1.98 30.67
C HIS A 84 11.14 -1.31 29.78
N PHE A 85 10.78 -0.14 29.28
CA PHE A 85 11.60 0.61 28.34
C PHE A 85 12.10 1.89 29.01
N LEU A 86 13.42 1.98 29.14
CA LEU A 86 14.08 3.09 29.83
C LEU A 86 14.74 3.97 28.78
N HIS A 87 14.53 5.29 28.90
CA HIS A 87 15.02 6.23 27.89
C HIS A 87 15.64 7.46 28.53
N TYR A 88 16.41 8.18 27.71
CA TYR A 88 17.10 9.34 28.22
C TYR A 88 17.68 10.11 27.04
N SER A 89 17.73 11.43 27.20
CA SER A 89 18.45 12.29 26.27
C SER A 89 19.35 13.23 27.06
N SER A 90 20.59 13.39 26.60
CA SER A 90 21.48 14.43 27.10
C SER A 90 20.97 15.83 26.71
N VAL A 91 21.64 16.84 27.26
CA VAL A 91 21.44 18.20 26.83
C VAL A 91 21.98 18.40 25.42
N ASP A 92 21.43 19.40 24.71
CA ASP A 92 21.76 19.62 23.29
C ASP A 92 23.24 19.96 23.10
N LYS A 93 23.61 21.20 23.44
CA LYS A 93 24.98 21.67 23.26
C LYS A 93 25.35 22.48 24.51
N ALA A 94 25.53 21.76 25.62
CA ALA A 94 25.74 22.31 26.95
C ALA A 94 24.47 23.00 27.45
N ASN A 95 24.16 24.16 26.88
CA ASN A 95 23.01 24.95 27.29
C ASN A 95 21.74 24.42 26.63
N PRO A 96 20.72 24.06 27.43
CA PRO A 96 19.56 23.35 26.87
C PRO A 96 18.93 24.11 25.72
N LYS A 97 18.81 23.42 24.58
CA LYS A 97 17.98 23.82 23.47
C LYS A 97 16.77 22.89 23.33
N GLU A 98 16.38 22.26 24.44
CA GLU A 98 15.22 21.38 24.50
C GLU A 98 15.34 20.22 23.51
N VAL A 99 16.53 19.64 23.41
CA VAL A 99 16.71 18.51 22.49
C VAL A 99 17.89 17.65 22.93
N GLY A 100 18.17 16.62 22.15
CA GLY A 100 19.11 15.58 22.48
C GLY A 100 18.54 14.32 21.88
N PRO A 101 19.35 13.54 21.17
CA PRO A 101 18.86 12.31 20.54
C PRO A 101 18.47 11.29 21.60
N ARG A 102 17.23 10.81 21.55
CA ARG A 102 16.78 9.88 22.59
C ARG A 102 17.42 8.52 22.41
N MET A 103 17.86 7.96 23.54
CA MET A 103 18.40 6.62 23.67
C MET A 103 17.49 5.83 24.59
N GLY A 104 17.51 4.51 24.42
CA GLY A 104 16.65 3.66 25.21
C GLY A 104 17.13 2.24 25.26
N PHE A 105 16.61 1.50 26.24
CA PHE A 105 16.99 0.12 26.41
C PHE A 105 15.91 -0.58 27.21
N PHE A 106 15.77 -1.88 26.98
CA PHE A 106 14.76 -2.68 27.64
C PHE A 106 15.35 -3.43 28.82
N LEU A 107 14.61 -3.48 29.89
CA LEU A 107 15.01 -4.17 31.10
C LEU A 107 13.89 -5.09 31.55
N SER A 108 14.27 -6.31 31.93
CA SER A 108 13.35 -7.21 32.63
C SER A 108 13.51 -6.97 34.14
N LEU A 109 12.49 -6.39 34.78
CA LEU A 109 12.57 -6.01 36.18
C LEU A 109 11.80 -6.99 37.06
N HIS A 110 12.35 -7.27 38.24
CA HIS A 110 11.81 -8.34 39.06
C HIS A 110 11.23 -7.79 40.36
N GLN A 111 10.42 -8.61 41.01
CA GLN A 111 9.83 -8.22 42.28
C GLN A 111 10.94 -7.98 43.29
N ARG A 112 10.91 -6.81 43.93
CA ARG A 112 11.95 -6.31 44.84
C ARG A 112 13.33 -6.19 44.18
N GLY A 113 13.38 -6.10 42.85
CA GLY A 113 14.64 -5.97 42.18
C GLY A 113 15.28 -4.61 42.40
N LEU A 114 16.59 -4.58 42.21
CA LEU A 114 17.35 -3.33 42.29
C LEU A 114 18.32 -3.31 41.14
N THR A 115 18.20 -2.30 40.27
CA THR A 115 19.15 -2.09 39.18
C THR A 115 19.91 -0.81 39.46
N VAL A 116 21.23 -0.88 39.37
CA VAL A 116 22.10 0.29 39.54
C VAL A 116 22.74 0.61 38.20
N LEU A 117 22.34 1.72 37.60
CA LEU A 117 22.92 2.17 36.35
C LEU A 117 23.82 3.37 36.61
N ARG A 118 24.88 3.51 35.82
CA ARG A 118 25.79 4.64 35.98
C ARG A 118 25.93 5.39 34.68
N TRP A 119 26.07 6.71 34.80
CA TRP A 119 26.35 7.58 33.67
C TRP A 119 27.81 7.46 33.26
N SER A 120 28.03 7.38 31.96
CA SER A 120 29.37 7.51 31.40
C SER A 120 29.57 8.98 31.01
N THR A 121 30.53 9.63 31.67
CA THR A 121 30.90 10.98 31.26
C THR A 121 31.60 10.96 29.92
N LEU A 122 32.41 9.93 29.68
CA LEU A 122 33.14 9.80 28.43
C LEU A 122 32.19 9.77 27.23
N ARG A 123 31.17 8.91 27.27
CA ARG A 123 30.28 8.64 26.15
C ARG A 123 29.03 9.52 26.11
N GLU A 124 28.69 10.22 27.20
CA GLU A 124 27.37 10.84 27.38
C GLU A 124 26.24 9.84 27.10
N GLU A 125 26.31 8.70 27.76
CA GLU A 125 25.19 7.76 27.74
C GLU A 125 25.23 6.94 29.02
N VAL A 126 24.19 6.16 29.23
CA VAL A 126 24.13 5.29 30.39
C VAL A 126 25.00 4.07 30.16
N ASP A 127 25.70 3.64 31.21
CA ASP A 127 26.57 2.46 31.16
C ASP A 127 25.77 1.29 31.74
N LEU A 128 25.48 0.31 30.90
CA LEU A 128 24.73 -0.86 31.34
C LEU A 128 25.63 -1.95 31.91
N SER A 129 26.94 -1.72 31.94
CA SER A 129 27.87 -2.65 32.59
C SER A 129 27.35 -3.06 33.97
N PRO A 130 27.45 -4.36 34.31
CA PRO A 130 26.88 -4.85 35.58
C PRO A 130 27.58 -4.20 36.77
N ALA A 131 26.79 -3.71 37.70
CA ALA A 131 27.32 -3.13 38.92
C ALA A 131 27.89 -4.24 39.79
N PRO A 132 29.08 -4.08 40.35
CA PRO A 132 29.56 -5.02 41.36
C PRO A 132 28.49 -5.28 42.42
N GLU A 133 28.26 -6.56 42.70
CA GLU A 133 27.28 -6.93 43.72
C GLU A 133 27.59 -6.31 45.09
N SER A 134 28.87 -6.04 45.39
CA SER A 134 29.16 -5.26 46.57
C SER A 134 28.55 -3.86 46.47
N GLU A 135 28.59 -3.25 45.28
CA GLU A 135 27.99 -1.94 45.10
C GLU A 135 26.47 -2.01 45.20
N VAL A 136 25.87 -3.06 44.65
CA VAL A 136 24.42 -3.21 44.72
C VAL A 136 23.95 -3.40 46.16
N GLU A 137 24.64 -4.25 46.93
CA GLU A 137 24.17 -4.53 48.27
C GLU A 137 24.25 -3.30 49.18
N ALA A 138 25.30 -2.48 49.03
CA ALA A 138 25.32 -1.23 49.78
C ALA A 138 24.15 -0.33 49.36
N MET A 139 23.84 -0.31 48.07
CA MET A 139 22.73 0.53 47.59
C MET A 139 21.41 0.09 48.21
N ARG A 140 21.17 -1.22 48.26
CA ARG A 140 19.92 -1.74 48.81
C ARG A 140 19.80 -1.46 50.30
N ALA A 141 20.91 -1.58 51.04
CA ALA A 141 20.93 -1.20 52.45
C ALA A 141 20.52 0.24 52.64
N ASN A 142 20.66 1.07 51.59
CA ASN A 142 20.41 2.49 51.68
C ASN A 142 19.04 2.93 51.16
N LEU A 143 18.29 2.01 50.54
CA LEU A 143 17.02 2.38 49.93
C LEU A 143 16.12 3.18 50.88
N GLN A 144 16.22 2.93 52.17
CA GLN A 144 15.34 3.62 53.11
C GLN A 144 15.55 5.12 53.05
N GLU A 145 16.81 5.56 52.97
CA GLU A 145 17.12 6.98 52.88
C GLU A 145 17.02 7.51 51.46
N LEU A 146 17.29 6.66 50.47
CA LEU A 146 17.23 7.04 49.07
C LEU A 146 15.82 7.26 48.56
N ASP A 147 14.81 6.83 49.31
CA ASP A 147 13.43 6.84 48.86
C ASP A 147 12.93 8.25 48.56
N GLN A 148 13.43 9.26 49.27
CA GLN A 148 13.06 10.65 48.99
C GLN A 148 13.47 11.08 47.58
N PHE A 149 14.47 10.44 47.00
CA PHE A 149 15.10 10.81 45.74
C PHE A 149 14.61 9.96 44.56
N LEU A 150 13.62 9.11 44.77
CA LEU A 150 13.13 8.17 43.77
C LEU A 150 11.72 8.57 43.40
N GLY A 151 11.47 8.81 42.12
CA GLY A 151 10.14 9.03 41.63
C GLY A 151 9.36 7.74 41.65
N PRO A 152 8.15 7.78 42.19
CA PRO A 152 7.24 6.63 42.04
C PRO A 152 6.79 6.49 40.60
N TYR A 153 6.98 5.30 40.05
CA TYR A 153 6.35 4.91 38.79
C TYR A 153 4.85 5.17 38.88
N PRO A 154 4.28 6.00 37.98
CA PRO A 154 2.85 6.33 38.05
C PRO A 154 1.99 5.16 37.54
N TYR A 155 1.29 4.53 38.49
CA TYR A 155 0.50 3.34 38.14
C TYR A 155 -0.55 3.64 37.10
N ALA A 156 -0.99 4.90 37.00
CA ALA A 156 -2.03 5.27 36.04
C ALA A 156 -1.60 5.05 34.60
N THR A 157 -0.31 4.93 34.32
CA THR A 157 0.13 4.68 32.95
C THR A 157 0.43 3.22 32.68
N LEU A 158 0.34 2.36 33.70
CA LEU A 158 0.68 0.96 33.52
C LEU A 158 -0.21 0.29 32.48
N LYS A 159 -1.53 0.50 32.59
CA LYS A 159 -2.51 -0.19 31.76
C LYS A 159 -2.28 0.06 30.27
N LYS A 160 -1.91 1.28 29.92
CA LYS A 160 -1.63 1.55 28.52
C LYS A 160 -0.31 0.91 28.09
N TRP A 161 0.71 0.94 28.96
CA TRP A 161 1.99 0.31 28.62
C TRP A 161 1.83 -1.19 28.43
N ILE A 162 0.99 -1.83 29.24
CA ILE A 162 0.76 -3.27 29.12
C ILE A 162 0.07 -3.57 27.80
N SER A 163 -0.87 -2.72 27.39
CA SER A 163 -1.62 -2.93 26.16
C SER A 163 -0.71 -2.94 24.94
N LEU A 164 0.47 -2.34 25.02
CA LEU A 164 1.40 -2.28 23.91
C LEU A 164 2.51 -3.31 24.00
N THR A 165 2.66 -4.00 25.13
CA THR A 165 3.83 -4.84 25.32
C THR A 165 3.53 -6.22 25.86
N ASN A 166 2.27 -6.53 26.19
CA ASN A 166 1.96 -7.80 26.82
C ASN A 166 2.37 -9.03 26.00
N PHE A 167 2.85 -8.87 24.76
CA PHE A 167 3.42 -9.99 24.01
C PHE A 167 4.93 -9.94 23.87
N ILE A 168 5.60 -8.95 24.48
CA ILE A 168 7.05 -8.89 24.46
C ILE A 168 7.58 -9.76 25.61
N SER A 169 8.43 -10.71 25.27
CA SER A 169 9.08 -11.57 26.25
C SER A 169 10.57 -11.22 26.32
N GLU A 170 11.26 -11.84 27.29
CA GLU A 170 12.71 -11.71 27.35
C GLU A 170 13.34 -12.24 26.07
N ALA A 171 12.81 -13.32 25.52
CA ALA A 171 13.31 -13.85 24.26
C ALA A 171 13.23 -12.80 23.17
N THR A 172 12.16 -12.01 23.14
CA THR A 172 12.01 -10.98 22.11
C THR A 172 13.10 -9.93 22.22
N VAL A 173 13.19 -9.30 23.40
CA VAL A 173 14.25 -8.31 23.70
C VAL A 173 15.61 -8.88 23.35
N GLU A 174 15.89 -10.10 23.82
CA GLU A 174 17.19 -10.70 23.60
C GLU A 174 17.50 -10.90 22.12
N LYS A 175 16.45 -11.11 21.31
CA LYS A 175 16.66 -11.34 19.89
C LYS A 175 16.77 -10.01 19.13
N LEU A 176 15.88 -9.07 19.43
CA LEU A 176 15.77 -7.86 18.61
C LEU A 176 16.71 -6.73 19.04
N GLN A 177 17.04 -6.61 20.34
CA GLN A 177 17.78 -5.43 20.81
C GLN A 177 19.16 -5.36 20.18
N PRO A 178 19.74 -4.15 20.11
CA PRO A 178 21.04 -3.98 19.43
C PRO A 178 22.17 -4.73 20.10
N GLU A 179 23.31 -4.75 19.40
CA GLU A 179 24.49 -5.43 19.93
C GLU A 179 24.87 -4.89 21.29
N ASN A 180 24.81 -3.57 21.45
CA ASN A 180 25.12 -2.90 22.70
C ASN A 180 23.86 -2.45 23.42
N ARG A 181 22.73 -3.03 23.07
CA ARG A 181 21.47 -3.02 23.81
C ARG A 181 20.75 -1.69 23.79
N GLN A 182 21.31 -0.62 23.24
CA GLN A 182 20.66 0.69 23.29
C GLN A 182 20.16 1.10 21.91
N ILE A 183 18.92 1.58 21.91
CA ILE A 183 18.18 1.99 20.73
C ILE A 183 18.25 3.51 20.62
N CYS A 184 18.46 4.03 19.41
CA CYS A 184 18.77 5.45 19.29
C CYS A 184 18.03 6.11 18.14
N ALA A 185 17.48 7.29 18.40
CA ALA A 185 16.75 8.06 17.39
C ALA A 185 17.58 8.33 16.13
N PHE A 186 18.88 8.56 16.28
CA PHE A 186 19.72 8.91 15.14
C PHE A 186 20.43 7.71 14.56
N ALA A 219 25.65 0.80 13.56
CA ALA A 219 26.90 1.17 14.24
C ALA A 219 26.96 0.53 15.63
N GLY A 220 26.37 -0.67 15.73
CA GLY A 220 26.16 -1.34 16.99
C GLY A 220 24.89 -0.94 17.71
N THR A 221 24.13 0.01 17.14
CA THR A 221 22.85 0.45 17.69
C THR A 221 21.68 -0.06 16.88
N GLU A 222 21.94 -0.93 15.91
CA GLU A 222 20.90 -1.35 14.97
C GLU A 222 19.99 -2.37 15.61
N ILE A 223 18.68 -2.10 15.59
CA ILE A 223 17.72 -3.09 16.04
C ILE A 223 17.82 -4.32 15.13
N ARG A 224 17.78 -5.50 15.73
CA ARG A 224 18.07 -6.73 14.98
C ARG A 224 16.76 -7.40 14.54
N PHE A 225 16.02 -6.65 13.73
CA PHE A 225 14.73 -7.10 13.20
C PHE A 225 14.93 -8.31 12.30
N SER A 226 13.89 -9.14 12.20
CA SER A 226 13.93 -10.29 11.31
C SER A 226 13.96 -9.84 9.85
N GLU A 227 14.80 -10.48 9.05
CA GLU A 227 14.84 -10.18 7.61
C GLU A 227 13.48 -10.42 6.98
N LEU A 228 12.97 -9.43 6.28
CA LEU A 228 11.68 -9.68 5.64
C LEU A 228 11.86 -9.86 4.14
N PRO A 229 11.07 -10.73 3.49
CA PRO A 229 11.32 -11.01 2.08
C PRO A 229 10.87 -9.85 1.21
N THR A 230 11.61 -9.66 0.13
CA THR A 230 11.19 -8.74 -0.92
C THR A 230 10.37 -9.44 -1.98
N GLN A 231 10.78 -10.66 -2.34
CA GLN A 231 10.08 -11.49 -3.30
C GLN A 231 9.04 -12.33 -2.55
N MET A 232 7.78 -12.18 -2.93
CA MET A 232 6.69 -12.81 -2.18
C MET A 232 6.41 -14.26 -2.59
N PHE A 233 6.98 -14.74 -3.70
CA PHE A 233 6.65 -16.01 -4.33
C PHE A 233 7.90 -16.90 -4.41
N PRO A 234 7.73 -18.21 -4.50
CA PRO A 234 8.90 -19.10 -4.52
C PRO A 234 9.69 -18.93 -5.81
N GLU A 235 10.97 -19.31 -5.73
CA GLU A 235 11.82 -19.25 -6.92
C GLU A 235 11.25 -20.13 -8.02
N GLY A 236 11.32 -19.65 -9.26
CA GLY A 236 10.80 -20.37 -10.41
C GLY A 236 9.29 -20.36 -10.56
N ALA A 237 8.58 -19.58 -9.76
CA ALA A 237 7.13 -19.51 -9.86
C ALA A 237 6.70 -19.13 -11.27
N THR A 238 5.66 -19.81 -11.76
CA THR A 238 4.99 -19.44 -13.00
C THR A 238 4.30 -18.09 -12.83
N PRO A 239 3.89 -17.44 -13.94
CA PRO A 239 3.10 -16.20 -13.81
C PRO A 239 1.89 -16.36 -12.92
N ALA A 240 1.15 -17.48 -13.06
CA ALA A 240 -0.02 -17.69 -12.22
C ALA A 240 0.38 -17.86 -10.76
N GLU A 241 1.54 -18.44 -10.50
CA GLU A 241 1.96 -18.58 -9.10
C GLU A 241 2.50 -17.26 -8.57
N ILE A 242 3.23 -16.50 -9.41
CA ILE A 242 3.61 -15.14 -9.04
C ILE A 242 2.39 -14.35 -8.61
N THR A 243 1.29 -14.48 -9.35
CA THR A 243 0.06 -13.74 -9.04
C THR A 243 -0.54 -14.21 -7.72
N LYS A 244 -0.71 -15.51 -7.58
CA LYS A 244 -1.32 -16.07 -6.38
C LYS A 244 -0.56 -15.64 -5.13
N HIS A 245 0.77 -15.74 -5.15
CA HIS A 245 1.53 -15.43 -3.95
C HIS A 245 1.80 -13.93 -3.78
N SER A 246 1.63 -13.12 -4.84
CA SER A 246 1.70 -11.68 -4.63
C SER A 246 0.41 -11.10 -4.05
N MET A 247 -0.72 -11.77 -4.26
CA MET A 247 -2.01 -11.36 -3.70
C MET A 247 -2.24 -11.91 -2.30
N ASP A 248 -1.86 -13.15 -2.05
CA ASP A 248 -1.90 -13.77 -0.73
C ASP A 248 -0.45 -13.95 -0.30
N LEU A 249 -0.03 -13.18 0.69
CA LEU A 249 1.33 -13.28 1.18
C LEU A 249 1.56 -14.46 2.15
N SER A 250 0.62 -15.43 2.23
CA SER A 250 0.73 -16.49 3.23
C SER A 250 1.98 -17.32 3.04
N TYR A 251 2.34 -17.61 1.81
CA TYR A 251 3.59 -18.33 1.61
C TYR A 251 4.77 -17.52 2.13
N ALA A 252 4.80 -16.23 1.80
CA ALA A 252 5.86 -15.34 2.28
C ALA A 252 5.90 -15.29 3.79
N LEU A 253 4.73 -15.16 4.43
CA LEU A 253 4.67 -15.06 5.88
C LEU A 253 5.22 -16.31 6.55
N GLU A 254 4.90 -17.48 5.97
CA GLU A 254 5.30 -18.74 6.57
C GLU A 254 6.81 -18.95 6.46
N THR A 255 7.40 -18.53 5.34
CA THR A 255 8.86 -18.53 5.20
C THR A 255 9.55 -17.75 6.33
N VAL A 256 8.94 -16.66 6.80
CA VAL A 256 9.50 -15.89 7.91
C VAL A 256 9.23 -16.61 9.23
N LEU A 257 7.99 -17.07 9.44
CA LEU A 257 7.65 -17.74 10.70
C LEU A 257 8.58 -18.92 10.96
N ASN A 258 8.75 -19.80 9.97
CA ASN A 258 9.54 -21.01 10.15
C ASN A 258 11.02 -20.72 10.35
N LYS A 259 11.52 -19.63 9.79
CA LYS A 259 12.93 -19.31 10.02
C LYS A 259 13.13 -18.63 11.35
N GLN A 260 12.26 -17.68 11.70
CA GLN A 260 12.45 -16.93 12.93
C GLN A 260 11.90 -17.68 14.14
N PHE A 261 10.71 -18.27 14.00
CA PHE A 261 9.97 -18.77 15.16
C PHE A 261 9.56 -20.23 14.94
N PRO A 262 10.51 -21.11 14.62
CA PRO A 262 10.17 -22.45 14.12
C PRO A 262 9.12 -23.19 14.92
N SER A 263 9.08 -22.99 16.23
CA SER A 263 8.19 -23.78 17.06
C SER A 263 7.06 -22.97 17.66
N SER A 264 7.12 -21.64 17.60
CA SER A 264 6.11 -20.78 18.21
CA SER A 264 6.13 -20.78 18.22
C SER A 264 5.87 -19.60 17.29
N PRO A 265 4.97 -19.74 16.32
CA PRO A 265 4.77 -18.69 15.32
C PRO A 265 4.29 -17.38 15.91
N GLN A 266 3.56 -17.44 17.03
CA GLN A 266 3.01 -16.22 17.59
C GLN A 266 4.07 -15.32 18.19
N ASP A 267 5.32 -15.77 18.26
CA ASP A 267 6.39 -14.89 18.68
C ASP A 267 6.51 -13.68 17.75
N VAL A 268 5.94 -13.76 16.55
CA VAL A 268 5.99 -12.65 15.62
C VAL A 268 5.24 -11.48 16.23
N LEU A 269 4.25 -11.78 17.07
CA LEU A 269 3.46 -10.72 17.69
C LEU A 269 4.29 -9.90 18.66
N GLY A 270 5.24 -10.53 19.37
CA GLY A 270 6.11 -9.78 20.25
C GLY A 270 7.06 -8.89 19.47
N GLU A 271 7.59 -9.39 18.35
CA GLU A 271 8.41 -8.58 17.47
C GLU A 271 7.61 -7.40 16.90
N LEU A 272 6.31 -7.55 16.71
CA LEU A 272 5.53 -6.43 16.20
C LEU A 272 5.29 -5.37 17.29
N GLN A 273 5.06 -5.79 18.53
CA GLN A 273 5.00 -4.80 19.61
C GLN A 273 6.37 -4.17 19.85
N PHE A 274 7.44 -4.96 19.79
CA PHE A 274 8.77 -4.39 19.98
C PHE A 274 9.06 -3.27 18.98
N ALA A 275 8.71 -3.50 17.71
CA ALA A 275 8.95 -2.48 16.69
C ALA A 275 8.14 -1.24 16.96
N PHE A 276 6.90 -1.42 17.39
CA PHE A 276 6.00 -0.29 17.58
C PHE A 276 6.47 0.58 18.72
N VAL A 277 6.91 -0.05 19.82
CA VAL A 277 7.47 0.67 20.97
C VAL A 277 8.71 1.45 20.56
N CYS A 278 9.64 0.81 19.84
CA CYS A 278 10.86 1.49 19.42
C CYS A 278 10.56 2.69 18.55
N PHE A 279 9.44 2.68 17.84
CA PHE A 279 9.06 3.87 17.10
C PHE A 279 8.35 4.88 18.01
N LEU A 280 7.29 4.44 18.66
CA LEU A 280 6.40 5.37 19.35
C LEU A 280 7.10 6.03 20.54
N LEU A 281 7.89 5.25 21.29
CA LEU A 281 8.58 5.75 22.50
C LEU A 281 10.09 5.94 22.30
N GLY A 282 10.72 5.24 21.36
CA GLY A 282 12.11 5.47 21.01
C GLY A 282 12.37 6.45 19.88
N ASN A 283 11.32 6.95 19.22
CA ASN A 283 11.40 7.74 17.98
C ASN A 283 12.37 7.14 16.95
N VAL A 284 12.43 5.83 16.82
CA VAL A 284 13.24 5.18 15.80
C VAL A 284 12.33 4.96 14.58
N TYR A 285 12.58 5.72 13.50
CA TYR A 285 11.68 5.66 12.35
C TYR A 285 11.79 4.32 11.64
N GLU A 286 13.01 3.78 11.50
CA GLU A 286 13.19 2.52 10.79
C GLU A 286 12.48 1.35 11.47
N ALA A 287 12.09 1.52 12.74
CA ALA A 287 11.24 0.53 13.38
C ALA A 287 9.78 0.74 13.06
N PHE A 288 9.39 1.97 12.72
CA PHE A 288 8.06 2.18 12.17
C PHE A 288 7.92 1.52 10.79
N GLU A 289 8.96 1.64 9.95
CA GLU A 289 8.95 0.98 8.64
C GLU A 289 8.88 -0.53 8.78
N HIS A 290 9.66 -1.11 9.67
CA HIS A 290 9.55 -2.54 9.92
C HIS A 290 8.16 -2.90 10.43
N TRP A 291 7.62 -2.12 11.37
CA TRP A 291 6.27 -2.36 11.83
C TRP A 291 5.30 -2.39 10.66
N LYS A 292 5.49 -1.49 9.69
CA LYS A 292 4.63 -1.39 8.52
C LYS A 292 4.81 -2.62 7.63
N ARG A 293 6.07 -2.96 7.30
CA ARG A 293 6.33 -4.13 6.48
C ARG A 293 5.76 -5.38 7.13
N LEU A 294 6.02 -5.55 8.43
CA LEU A 294 5.61 -6.76 9.11
C LEU A 294 4.10 -6.83 9.22
N LEU A 295 3.46 -5.70 9.49
CA LEU A 295 2.00 -5.69 9.61
C LEU A 295 1.37 -6.02 8.27
N ASN A 296 1.99 -5.52 7.19
CA ASN A 296 1.53 -5.80 5.85
C ASN A 296 1.62 -7.28 5.53
N LEU A 297 2.77 -7.89 5.83
CA LEU A 297 2.92 -9.33 5.66
C LEU A 297 1.82 -10.10 6.37
N LEU A 298 1.34 -9.60 7.52
CA LEU A 298 0.39 -10.36 8.29
C LEU A 298 -1.03 -10.18 7.77
N CYS A 299 -1.38 -8.93 7.42
CA CYS A 299 -2.75 -8.62 7.05
C CYS A 299 -3.09 -9.13 5.67
N ARG A 300 -2.11 -9.24 4.78
CA ARG A 300 -2.37 -9.77 3.43
C ARG A 300 -2.07 -11.27 3.34
N SER A 301 -2.01 -11.97 4.46
CA SER A 301 -1.77 -13.41 4.45
C SER A 301 -3.08 -14.14 4.75
N GLU A 302 -3.91 -14.28 3.70
CA GLU A 302 -5.27 -14.77 3.91
C GLU A 302 -5.30 -16.25 4.29
N ALA A 303 -4.65 -17.13 3.52
CA ALA A 303 -4.61 -18.55 3.88
C ALA A 303 -4.15 -18.71 5.32
N ALA A 304 -3.12 -17.96 5.72
CA ALA A 304 -2.53 -18.07 7.05
C ALA A 304 -3.56 -17.90 8.15
N MET A 305 -4.63 -17.13 7.92
CA MET A 305 -5.63 -16.96 8.98
C MET A 305 -6.34 -18.27 9.29
N MET A 306 -6.53 -19.13 8.30
CA MET A 306 -7.03 -20.48 8.56
C MET A 306 -6.03 -21.30 9.36
N LYS A 307 -4.74 -21.16 9.06
CA LYS A 307 -3.73 -21.98 9.73
C LYS A 307 -3.40 -21.48 11.15
N HIS A 308 -3.05 -20.20 11.29
CA HIS A 308 -2.63 -19.63 12.59
C HIS A 308 -3.74 -18.80 13.19
N HIS A 309 -4.85 -19.44 13.51
CA HIS A 309 -6.06 -18.68 13.84
C HIS A 309 -5.91 -17.91 15.16
N THR A 310 -5.35 -18.54 16.20
CA THR A 310 -5.13 -17.82 17.46
C THR A 310 -4.14 -16.67 17.29
N LEU A 311 -3.12 -16.85 16.45
CA LEU A 311 -2.19 -15.77 16.17
C LEU A 311 -2.95 -14.50 15.74
N TYR A 312 -3.95 -14.66 14.88
CA TYR A 312 -4.70 -13.53 14.34
C TYR A 312 -5.71 -12.97 15.32
N ILE A 313 -6.28 -13.80 16.17
CA ILE A 313 -7.14 -13.31 17.24
C ILE A 313 -6.36 -12.37 18.12
N ASN A 314 -5.10 -12.73 18.42
CA ASN A 314 -4.28 -11.86 19.26
C ASN A 314 -3.87 -10.62 18.50
N LEU A 315 -3.66 -10.74 17.18
CA LEU A 315 -3.20 -9.61 16.41
C LEU A 315 -4.25 -8.51 16.43
N ILE A 316 -5.53 -8.88 16.48
CA ILE A 316 -6.56 -7.83 16.49
C ILE A 316 -6.45 -6.98 17.73
N SER A 317 -6.21 -7.62 18.89
CA SER A 317 -6.15 -6.88 20.15
C SER A 317 -4.87 -6.05 20.24
N ILE A 318 -3.74 -6.63 19.85
CA ILE A 318 -2.51 -5.86 19.67
C ILE A 318 -2.76 -4.62 18.83
N LEU A 319 -3.52 -4.76 17.74
CA LEU A 319 -3.69 -3.69 16.77
C LEU A 319 -4.66 -2.63 17.27
N TYR A 320 -5.71 -3.04 17.98
CA TYR A 320 -6.60 -2.07 18.59
C TYR A 320 -5.84 -1.13 19.53
N HIS A 321 -4.89 -1.65 20.30
CA HIS A 321 -4.17 -0.76 21.21
C HIS A 321 -3.09 0.04 20.48
N GLN A 322 -2.43 -0.57 19.49
CA GLN A 322 -1.43 0.17 18.73
C GLN A 322 -2.05 1.35 18.00
N LEU A 323 -3.13 1.10 17.24
CA LEU A 323 -3.75 2.17 16.46
C LEU A 323 -4.42 3.21 17.37
N GLY A 324 -4.82 2.83 18.58
CA GLY A 324 -5.31 3.81 19.52
C GLY A 324 -4.29 4.87 19.91
N GLU A 325 -3.00 4.64 19.64
CA GLU A 325 -1.95 5.59 19.98
C GLU A 325 -1.45 6.36 18.78
N ILE A 326 -2.15 6.27 17.66
CA ILE A 326 -1.78 6.97 16.43
C ILE A 326 -2.87 7.99 16.14
N PRO A 327 -2.53 9.19 15.64
CA PRO A 327 -3.56 10.15 15.23
C PRO A 327 -4.06 10.01 13.79
N ALA A 328 -3.46 9.12 12.98
CA ALA A 328 -3.86 8.87 11.59
C ALA A 328 -3.54 10.04 10.66
N ASP A 329 -2.33 10.58 10.77
CA ASP A 329 -1.88 11.60 9.84
C ASP A 329 -1.69 10.97 8.47
N ASN A 339 -3.24 5.69 0.94
CA ASN A 339 -2.61 5.62 2.25
C ASN A 339 -2.30 4.15 2.61
N PHE A 340 -1.21 3.94 3.36
CA PHE A 340 -0.74 2.57 3.55
C PHE A 340 -1.61 1.79 4.54
N LEU A 341 -2.14 2.43 5.57
CA LEU A 341 -2.87 1.63 6.55
C LEU A 341 -4.28 1.33 6.08
N THR A 342 -4.95 2.31 5.44
CA THR A 342 -6.32 2.12 5.01
C THR A 342 -6.41 0.93 4.05
N SER A 343 -5.40 0.78 3.18
CA SER A 343 -5.41 -0.29 2.19
CA SER A 343 -5.42 -0.29 2.20
C SER A 343 -5.17 -1.64 2.86
N THR A 344 -4.04 -1.80 3.56
CA THR A 344 -3.74 -3.11 4.14
C THR A 344 -4.83 -3.56 5.09
N LEU A 345 -5.46 -2.64 5.81
CA LEU A 345 -6.48 -3.03 6.76
C LEU A 345 -7.77 -3.41 6.07
N GLN A 346 -8.09 -2.77 4.94
CA GLN A 346 -9.20 -3.21 4.12
C GLN A 346 -9.00 -4.66 3.70
N VAL A 347 -7.79 -5.01 3.24
CA VAL A 347 -7.55 -6.38 2.84
C VAL A 347 -7.68 -7.30 4.03
N PHE A 348 -7.12 -6.89 5.17
CA PHE A 348 -7.20 -7.70 6.39
C PHE A 348 -8.66 -7.98 6.75
N PHE A 349 -9.51 -6.96 6.74
CA PHE A 349 -10.89 -7.15 7.16
C PHE A 349 -11.66 -8.01 6.16
N SER A 350 -11.36 -7.86 4.87
CA SER A 350 -11.95 -8.74 3.86
C SER A 350 -11.65 -10.20 4.16
N SER A 351 -10.42 -10.51 4.55
CA SER A 351 -10.02 -11.87 4.80
C SER A 351 -10.53 -12.35 6.16
N ALA A 352 -10.36 -11.53 7.20
CA ALA A 352 -10.73 -11.88 8.55
C ALA A 352 -12.24 -11.92 8.79
N CYS A 353 -13.05 -11.24 7.98
CA CYS A 353 -14.49 -11.23 8.21
C CYS A 353 -15.26 -12.20 7.31
N SER A 354 -14.58 -12.93 6.43
CA SER A 354 -15.26 -13.85 5.53
C SER A 354 -15.86 -15.01 6.31
N ILE A 355 -16.75 -15.77 5.65
CA ILE A 355 -17.32 -16.96 6.26
C ILE A 355 -16.30 -18.09 6.40
N ALA A 356 -15.17 -17.98 5.69
CA ALA A 356 -14.20 -19.07 5.65
C ALA A 356 -13.57 -19.35 7.01
N VAL A 357 -13.29 -18.31 7.80
CA VAL A 357 -12.43 -18.40 8.98
C VAL A 357 -13.23 -18.82 10.21
N ASP A 358 -12.50 -19.24 11.25
CA ASP A 358 -13.05 -19.61 12.55
C ASP A 358 -13.95 -18.49 13.09
N ALA A 359 -15.12 -18.88 13.63
CA ALA A 359 -16.18 -17.90 13.87
C ALA A 359 -15.78 -16.86 14.90
N THR A 360 -14.95 -17.23 15.86
CA THR A 360 -14.54 -16.25 16.84
C THR A 360 -13.57 -15.22 16.24
N LEU A 361 -12.75 -15.63 15.26
CA LEU A 361 -11.94 -14.63 14.56
C LEU A 361 -12.82 -13.66 13.79
N ARG A 362 -13.85 -14.19 13.14
CA ARG A 362 -14.75 -13.36 12.34
C ARG A 362 -15.55 -12.39 13.21
N LYS A 363 -16.06 -12.86 14.35
CA LYS A 363 -16.79 -11.96 15.23
C LYS A 363 -15.88 -10.87 15.79
N LYS A 364 -14.62 -11.22 16.09
CA LYS A 364 -13.69 -10.23 16.60
C LYS A 364 -13.27 -9.26 15.50
N ALA A 365 -13.01 -9.78 14.29
CA ALA A 365 -12.63 -8.91 13.19
C ALA A 365 -13.77 -7.97 12.83
N GLU A 366 -15.01 -8.48 12.85
CA GLU A 366 -16.20 -7.65 12.67
C GLU A 366 -16.20 -6.47 13.63
N LYS A 367 -16.06 -6.74 14.93
CA LYS A 367 -16.11 -5.66 15.92
C LYS A 367 -14.98 -4.67 15.71
N PHE A 368 -13.76 -5.14 15.44
CA PHE A 368 -12.65 -4.23 15.22
C PHE A 368 -12.87 -3.36 13.99
N GLN A 369 -13.50 -3.93 12.97
CA GLN A 369 -13.81 -3.18 11.75
C GLN A 369 -14.74 -2.01 12.05
N ALA A 370 -15.89 -2.29 12.68
CA ALA A 370 -16.80 -1.22 13.09
C ALA A 370 -16.09 -0.19 13.95
N HIS A 371 -15.30 -0.63 14.94
CA HIS A 371 -14.53 0.29 15.77
C HIS A 371 -13.66 1.20 14.90
N LEU A 372 -12.90 0.60 13.98
CA LEU A 372 -11.95 1.37 13.19
C LEU A 372 -12.67 2.35 12.28
N THR A 373 -13.82 1.93 11.73
CA THR A 373 -14.62 2.80 10.90
C THR A 373 -15.05 4.04 11.68
N LYS A 374 -15.69 3.84 12.82
CA LYS A 374 -16.19 4.97 13.61
C LYS A 374 -15.05 5.90 13.98
N LYS A 375 -13.92 5.32 14.41
CA LYS A 375 -12.81 6.12 14.90
C LYS A 375 -12.20 6.96 13.77
N PHE A 376 -11.84 6.32 12.66
CA PHE A 376 -11.10 6.97 11.58
C PHE A 376 -11.99 7.48 10.45
N ARG A 377 -13.32 7.37 10.58
CA ARG A 377 -14.25 7.83 9.55
C ARG A 377 -13.81 7.34 8.18
N TRP A 378 -13.61 6.02 8.09
CA TRP A 378 -13.30 5.36 6.83
C TRP A 378 -14.13 4.09 6.73
N ASP A 379 -14.42 3.68 5.50
CA ASP A 379 -15.24 2.48 5.27
C ASP A 379 -14.32 1.30 4.95
N PHE A 380 -13.72 0.75 6.01
CA PHE A 380 -12.85 -0.42 5.89
C PHE A 380 -13.56 -1.65 5.34
N ALA A 381 -14.89 -1.64 5.32
CA ALA A 381 -15.66 -2.74 4.75
C ALA A 381 -15.93 -2.58 3.26
N ALA A 382 -15.43 -1.50 2.63
CA ALA A 382 -15.66 -1.28 1.21
C ALA A 382 -14.53 -1.84 0.38
N GLU A 383 -14.88 -2.46 -0.74
CA GLU A 383 -13.87 -2.78 -1.74
C GLU A 383 -13.25 -1.49 -2.27
N PRO A 384 -11.99 -1.53 -2.70
CA PRO A 384 -11.40 -0.34 -3.30
C PRO A 384 -12.18 0.09 -4.54
N GLU A 385 -12.26 1.40 -4.75
CA GLU A 385 -13.10 1.91 -5.85
C GLU A 385 -12.65 1.38 -7.20
N ASP A 386 -11.34 1.29 -7.41
CA ASP A 386 -10.79 0.91 -8.71
C ASP A 386 -10.90 -0.60 -8.99
N CYS A 387 -11.71 -1.31 -8.22
CA CYS A 387 -11.87 -2.74 -8.36
C CYS A 387 -13.26 -3.13 -8.85
N ALA A 388 -14.11 -2.14 -9.14
CA ALA A 388 -15.45 -2.39 -9.64
C ALA A 388 -15.40 -2.80 -11.11
N PRO A 389 -16.29 -3.69 -11.55
CA PRO A 389 -16.39 -4.02 -12.98
C PRO A 389 -17.10 -2.91 -13.73
N VAL A 390 -16.81 -2.83 -15.04
CA VAL A 390 -17.68 -2.05 -15.92
C VAL A 390 -19.03 -2.73 -15.95
N VAL A 391 -20.10 -1.99 -15.70
CA VAL A 391 -21.45 -2.49 -15.92
C VAL A 391 -21.86 -2.15 -17.34
N VAL A 392 -22.03 -3.18 -18.15
CA VAL A 392 -22.31 -3.03 -19.58
C VAL A 392 -23.80 -3.29 -19.80
N GLU A 393 -24.48 -2.33 -20.43
CA GLU A 393 -25.88 -2.48 -20.81
C GLU A 393 -25.95 -3.31 -22.09
N LEU A 394 -26.61 -4.47 -22.02
CA LEU A 394 -26.77 -5.22 -23.26
C LEU A 394 -28.09 -5.97 -23.25
N PRO A 395 -28.75 -6.13 -24.42
CA PRO A 395 -29.97 -6.93 -24.56
C PRO A 395 -29.69 -8.43 -24.74
N PRO B 1 14.04 10.17 -4.93
CA PRO B 1 13.48 9.15 -5.83
C PRO B 1 12.59 9.76 -6.92
N THR B 2 12.94 9.56 -8.20
CA THR B 2 12.13 10.12 -9.29
C THR B 2 10.86 9.31 -9.49
N GLU B 3 9.78 10.00 -9.87
CA GLU B 3 8.47 9.39 -10.07
C GLU B 3 7.91 9.87 -11.41
N PRO B 4 8.40 9.32 -12.52
CA PRO B 4 7.99 9.81 -13.85
C PRO B 4 6.51 9.56 -14.11
N TYR B 5 5.97 10.29 -15.08
CA TYR B 5 4.59 10.16 -15.53
C TYR B 5 4.39 10.96 -16.80
N LEU B 6 3.51 10.45 -17.66
CA LEU B 6 3.08 11.20 -18.83
C LEU B 6 2.35 12.45 -18.37
N SER B 7 2.74 13.61 -18.93
CA SER B 7 2.23 14.90 -18.51
C SER B 7 2.09 15.80 -19.75
N SER B 8 1.58 17.01 -19.53
CA SER B 8 1.49 17.93 -20.66
C SER B 8 2.86 18.39 -21.15
N GLN B 9 3.89 18.30 -20.31
CA GLN B 9 5.18 18.86 -20.72
C GLN B 9 5.98 17.86 -21.55
N ASN B 10 5.82 16.57 -21.29
CA ASN B 10 6.62 15.56 -21.96
C ASN B 10 5.84 14.75 -22.99
N TYR B 11 4.54 14.99 -23.17
CA TYR B 11 3.79 14.05 -23.99
C TYR B 11 4.26 13.99 -25.44
N GLY B 12 5.23 14.82 -25.83
CA GLY B 12 5.87 14.65 -27.13
C GLY B 12 6.65 13.36 -27.26
N GLU B 13 7.02 12.75 -26.14
CA GLU B 13 7.77 11.48 -26.19
C GLU B 13 6.97 10.36 -26.84
N LEU B 14 5.64 10.42 -26.78
CA LEU B 14 4.81 9.40 -27.43
C LEU B 14 5.23 9.18 -28.88
N PHE B 15 5.54 10.26 -29.59
CA PHE B 15 5.87 10.25 -31.00
C PHE B 15 7.37 10.23 -31.25
N SER B 16 8.19 10.28 -30.21
CA SER B 16 9.63 10.20 -30.36
C SER B 16 10.06 8.82 -30.87
N ASN B 17 11.37 8.60 -30.94
CA ASN B 17 11.92 7.38 -31.54
C ASN B 17 11.43 6.11 -30.85
N GLN B 18 11.49 6.07 -29.52
CA GLN B 18 11.31 4.86 -28.74
C GLN B 18 9.95 4.17 -28.98
N ILE B 19 9.81 2.96 -28.42
CA ILE B 19 8.54 2.22 -28.44
C ILE B 19 7.86 2.39 -27.08
N ILE B 20 6.61 2.85 -27.11
CA ILE B 20 5.81 3.14 -25.93
C ILE B 20 4.46 2.42 -26.07
N TRP B 21 4.02 1.74 -25.01
CA TRP B 21 2.65 1.23 -24.98
C TRP B 21 1.84 1.96 -23.94
N PHE B 22 0.62 2.34 -24.32
CA PHE B 22 -0.42 2.53 -23.35
C PHE B 22 -1.02 1.17 -22.98
N VAL B 23 -1.29 0.97 -21.70
CA VAL B 23 -2.02 -0.22 -21.23
C VAL B 23 -3.23 0.27 -20.46
N ASP B 24 -4.43 -0.06 -20.94
CA ASP B 24 -5.67 0.21 -20.22
C ASP B 24 -6.28 -1.11 -19.73
N ASP B 25 -6.35 -1.27 -18.42
CA ASP B 25 -6.99 -2.43 -17.79
C ASP B 25 -8.47 -2.21 -17.49
N THR B 26 -9.02 -1.03 -17.86
CA THR B 26 -10.33 -0.63 -17.38
C THR B 26 -11.42 -1.63 -17.75
N ASN B 27 -11.41 -2.13 -18.99
CA ASN B 27 -12.45 -3.02 -19.50
C ASN B 27 -12.11 -4.52 -19.36
N VAL B 28 -11.14 -4.93 -18.53
CA VAL B 28 -10.93 -6.38 -18.46
C VAL B 28 -11.94 -7.07 -17.52
N TYR B 29 -12.42 -6.42 -16.48
CA TYR B 29 -13.45 -7.00 -15.62
C TYR B 29 -14.74 -6.26 -15.88
N ARG B 30 -15.68 -6.93 -16.56
CA ARG B 30 -16.99 -6.35 -16.85
C ARG B 30 -18.08 -7.36 -16.51
N VAL B 31 -19.23 -6.82 -16.12
CA VAL B 31 -20.41 -7.61 -15.77
C VAL B 31 -21.59 -7.02 -16.50
N THR B 32 -22.68 -7.79 -16.53
CA THR B 32 -23.93 -7.27 -17.03
C THR B 32 -25.04 -7.66 -16.07
N ILE B 33 -26.18 -6.99 -16.18
CA ILE B 33 -27.33 -7.32 -15.35
C ILE B 33 -27.92 -8.64 -15.81
N HIS B 34 -28.40 -9.44 -14.86
CA HIS B 34 -28.77 -10.83 -15.11
C HIS B 34 -29.88 -11.26 -14.17
N LYS B 35 -30.79 -12.09 -14.67
CA LYS B 35 -31.92 -12.59 -13.89
C LYS B 35 -31.66 -14.03 -13.50
N THR B 36 -31.72 -14.33 -12.22
CA THR B 36 -31.48 -15.69 -11.79
C THR B 36 -32.65 -16.56 -12.20
N PHE B 37 -32.41 -17.87 -12.22
CA PHE B 37 -33.48 -18.84 -12.41
C PHE B 37 -34.67 -18.53 -11.51
N GLU B 38 -34.40 -18.17 -10.25
CA GLU B 38 -35.43 -17.81 -9.28
C GLU B 38 -36.02 -16.43 -9.51
N GLY B 39 -35.60 -15.73 -10.56
CA GLY B 39 -36.20 -14.46 -10.94
C GLY B 39 -35.73 -13.23 -10.19
N ASN B 40 -34.51 -13.22 -9.68
CA ASN B 40 -33.97 -12.06 -8.98
C ASN B 40 -32.88 -11.42 -9.81
N LEU B 41 -32.81 -10.09 -9.74
CA LEU B 41 -31.81 -9.34 -10.48
C LEU B 41 -30.47 -9.37 -9.74
N THR B 42 -29.43 -9.72 -10.48
CA THR B 42 -28.06 -9.74 -9.98
C THR B 42 -27.17 -9.32 -11.15
N THR B 43 -25.86 -9.52 -11.03
CA THR B 43 -24.98 -9.36 -12.17
C THR B 43 -24.31 -10.68 -12.52
N LYS B 44 -23.74 -10.76 -13.71
CA LYS B 44 -22.87 -11.85 -14.08
C LYS B 44 -21.76 -11.29 -14.94
N PRO B 45 -20.57 -11.87 -14.88
CA PRO B 45 -19.47 -11.36 -15.69
C PRO B 45 -19.69 -11.67 -17.16
N ILE B 46 -19.23 -10.75 -18.03
CA ILE B 46 -19.13 -10.96 -19.46
C ILE B 46 -17.66 -10.80 -19.83
N ASN B 47 -17.33 -11.11 -21.08
CA ASN B 47 -15.93 -10.98 -21.50
C ASN B 47 -15.45 -9.54 -21.43
N GLY B 48 -14.13 -9.40 -21.30
CA GLY B 48 -13.47 -8.11 -21.24
C GLY B 48 -12.28 -8.10 -22.18
N ALA B 49 -11.54 -7.00 -22.15
CA ALA B 49 -10.33 -6.94 -22.96
C ALA B 49 -9.29 -6.06 -22.30
N ILE B 50 -8.02 -6.38 -22.57
CA ILE B 50 -6.91 -5.45 -22.35
C ILE B 50 -6.66 -4.67 -23.63
N PHE B 51 -6.51 -3.37 -23.49
CA PHE B 51 -6.15 -2.48 -24.58
C PHE B 51 -4.66 -2.16 -24.41
N ILE B 52 -3.83 -2.67 -25.32
CA ILE B 52 -2.40 -2.33 -25.41
C ILE B 52 -2.15 -1.60 -26.72
N PHE B 53 -1.70 -0.34 -26.64
CA PHE B 53 -1.73 0.58 -27.78
C PHE B 53 -0.43 1.35 -27.95
N ASN B 54 0.18 1.23 -29.14
CA ASN B 54 1.37 2.00 -29.49
C ASN B 54 0.95 3.31 -30.15
N PRO B 55 1.15 4.48 -29.51
CA PRO B 55 0.65 5.72 -30.09
C PRO B 55 1.45 6.21 -31.29
N ARG B 56 2.62 5.67 -31.57
CA ARG B 56 3.40 6.19 -32.69
C ARG B 56 3.03 5.52 -34.01
N THR B 57 2.69 4.24 -33.95
CA THR B 57 2.31 3.47 -35.12
C THR B 57 0.81 3.20 -35.22
N GLY B 58 0.03 3.56 -34.21
CA GLY B 58 -1.36 3.16 -34.19
C GLY B 58 -1.61 1.71 -33.77
N GLN B 59 -0.57 0.92 -33.54
CA GLN B 59 -0.76 -0.52 -33.38
C GLN B 59 -1.53 -0.82 -32.11
N LEU B 60 -2.59 -1.60 -32.23
CA LEU B 60 -3.39 -2.02 -31.08
C LEU B 60 -3.26 -3.52 -30.89
N PHE B 61 -2.92 -3.95 -29.67
CA PHE B 61 -3.01 -5.36 -29.24
C PHE B 61 -4.22 -5.48 -28.33
N LEU B 62 -5.24 -6.17 -28.80
CA LEU B 62 -6.50 -6.30 -28.07
C LEU B 62 -6.52 -7.73 -27.57
N LYS B 63 -6.24 -7.89 -26.30
CA LYS B 63 -6.26 -9.19 -25.66
C LYS B 63 -7.65 -9.41 -25.11
N ILE B 64 -8.35 -10.39 -25.63
CA ILE B 64 -9.70 -10.68 -25.16
C ILE B 64 -9.61 -11.52 -23.89
N ILE B 65 -10.36 -11.13 -22.87
CA ILE B 65 -10.37 -11.79 -21.57
C ILE B 65 -11.69 -12.54 -21.48
N HIS B 66 -11.64 -13.86 -21.67
CA HIS B 66 -12.83 -14.69 -21.59
C HIS B 66 -13.20 -14.99 -20.14
N THR B 67 -14.51 -15.08 -19.87
CA THR B 67 -15.02 -15.28 -18.51
C THR B 67 -14.53 -16.57 -17.86
N SER B 68 -13.97 -17.50 -18.64
CA SER B 68 -13.42 -18.72 -18.05
C SER B 68 -12.30 -18.42 -17.08
N VAL B 69 -11.60 -17.29 -17.23
CA VAL B 69 -10.48 -16.99 -16.34
C VAL B 69 -10.96 -16.63 -14.95
N TRP B 70 -12.24 -16.23 -14.81
CA TRP B 70 -12.85 -15.93 -13.52
C TRP B 70 -13.48 -17.14 -12.84
N ALA B 71 -13.67 -18.23 -13.58
CA ALA B 71 -14.45 -19.34 -13.06
C ALA B 71 -13.80 -19.88 -11.80
N GLY B 72 -14.58 -20.01 -10.74
CA GLY B 72 -14.06 -20.46 -9.46
C GLY B 72 -13.00 -19.56 -8.84
N GLN B 73 -12.91 -18.27 -9.23
CA GLN B 73 -12.00 -17.28 -8.67
C GLN B 73 -12.72 -16.34 -7.71
N LYS B 74 -12.00 -15.79 -6.75
CA LYS B 74 -12.56 -14.78 -5.86
C LYS B 74 -11.94 -13.41 -6.12
N ARG B 75 -12.63 -12.37 -5.65
CA ARG B 75 -12.18 -10.99 -5.76
C ARG B 75 -11.68 -10.72 -7.17
N LEU B 76 -12.61 -10.82 -8.11
CA LEU B 76 -12.21 -10.63 -9.50
C LEU B 76 -11.60 -9.25 -9.70
N GLY B 77 -12.09 -8.24 -8.96
CA GLY B 77 -11.59 -6.89 -9.15
C GLY B 77 -10.09 -6.80 -8.95
N GLN B 78 -9.61 -7.31 -7.81
CA GLN B 78 -8.17 -7.35 -7.55
C GLN B 78 -7.46 -8.24 -8.57
N LEU B 79 -8.05 -9.38 -8.91
CA LEU B 79 -7.36 -10.37 -9.74
C LEU B 79 -7.20 -9.88 -11.15
N ALA B 80 -8.16 -9.07 -11.62
CA ALA B 80 -8.12 -8.51 -12.97
C ALA B 80 -6.83 -7.77 -13.24
N LYS B 81 -6.36 -7.00 -12.23
CA LYS B 81 -5.14 -6.20 -12.35
C LYS B 81 -3.95 -7.10 -12.58
N TRP B 82 -3.87 -8.20 -11.82
CA TRP B 82 -2.78 -9.18 -11.95
C TRP B 82 -2.89 -9.99 -13.23
N LYS B 83 -4.12 -10.32 -13.67
CA LYS B 83 -4.31 -10.98 -14.97
C LYS B 83 -3.79 -10.13 -16.12
N THR B 84 -4.16 -8.83 -16.11
CA THR B 84 -3.62 -7.88 -17.10
C THR B 84 -2.10 -7.94 -17.16
N ALA B 85 -1.44 -7.95 -16.00
CA ALA B 85 0.02 -7.85 -16.01
C ALA B 85 0.64 -9.13 -16.55
N GLU B 86 0.04 -10.28 -16.23
CA GLU B 86 0.47 -11.56 -16.80
C GLU B 86 0.47 -11.49 -18.32
N GLU B 87 -0.62 -10.96 -18.90
CA GLU B 87 -0.77 -10.92 -20.36
C GLU B 87 0.18 -9.92 -21.00
N VAL B 88 0.33 -8.73 -20.41
CA VAL B 88 1.32 -7.81 -20.95
C VAL B 88 2.71 -8.45 -20.94
N ALA B 89 3.06 -9.15 -19.85
CA ALA B 89 4.34 -9.84 -19.75
C ALA B 89 4.45 -10.97 -20.77
N ALA B 90 3.41 -11.80 -20.90
CA ALA B 90 3.41 -12.84 -21.93
C ALA B 90 3.56 -12.23 -23.34
N LEU B 91 2.88 -11.12 -23.60
CA LEU B 91 3.04 -10.45 -24.89
C LEU B 91 4.48 -9.99 -25.10
N ILE B 92 5.07 -9.31 -24.10
CA ILE B 92 6.44 -8.83 -24.25
C ILE B 92 7.39 -9.99 -24.51
N ARG B 93 7.18 -11.12 -23.81
CA ARG B 93 8.09 -12.24 -23.97
C ARG B 93 8.07 -12.78 -25.40
N SER B 94 6.89 -12.84 -26.01
CA SER B 94 6.80 -13.39 -27.37
C SER B 94 7.43 -12.46 -28.41
N LEU B 95 7.44 -11.15 -28.16
CA LEU B 95 8.08 -10.21 -29.09
C LEU B 95 9.60 -10.36 -29.07
N PRO B 96 10.26 -10.21 -30.22
CA PRO B 96 11.73 -10.10 -30.21
C PRO B 96 12.18 -8.83 -29.50
N VAL B 97 13.47 -8.82 -29.13
CA VAL B 97 13.96 -7.83 -28.17
C VAL B 97 13.77 -6.42 -28.69
N GLU B 98 14.12 -6.17 -29.95
CA GLU B 98 13.98 -4.84 -30.51
C GLU B 98 12.52 -4.42 -30.70
N GLU B 99 11.54 -5.28 -30.38
CA GLU B 99 10.14 -4.88 -30.43
C GLU B 99 9.51 -4.75 -29.06
N GLN B 100 10.24 -5.02 -27.97
CA GLN B 100 9.64 -4.89 -26.66
C GLN B 100 9.51 -3.42 -26.28
N PRO B 101 8.55 -3.05 -25.45
CA PRO B 101 8.35 -1.63 -25.14
C PRO B 101 9.48 -1.09 -24.26
N LYS B 102 9.82 0.18 -24.50
CA LYS B 102 10.73 0.88 -23.61
C LYS B 102 9.98 1.51 -22.45
N GLN B 103 8.72 1.84 -22.65
CA GLN B 103 7.91 2.48 -21.63
C GLN B 103 6.51 1.90 -21.71
N ILE B 104 5.94 1.62 -20.54
CA ILE B 104 4.54 1.27 -20.45
C ILE B 104 3.87 2.34 -19.63
N ILE B 105 2.82 2.94 -20.18
CA ILE B 105 2.06 3.98 -19.52
C ILE B 105 0.69 3.40 -19.17
N VAL B 106 0.31 3.43 -17.92
CA VAL B 106 -0.94 2.82 -17.52
C VAL B 106 -1.97 3.91 -17.28
N THR B 107 -3.23 3.59 -17.56
CA THR B 107 -4.34 4.52 -17.37
C THR B 107 -4.81 4.57 -15.92
N ARG B 108 -4.53 3.52 -15.15
CA ARG B 108 -5.03 3.37 -13.78
CA ARG B 108 -5.04 3.34 -13.79
C ARG B 108 -3.90 2.90 -12.88
N LYS B 109 -3.75 3.58 -11.74
CA LYS B 109 -2.53 3.34 -10.94
C LYS B 109 -2.46 1.94 -10.34
N GLY B 110 -3.60 1.28 -10.11
CA GLY B 110 -3.58 -0.09 -9.59
C GLY B 110 -2.77 -1.06 -10.44
N MET B 111 -2.33 -0.67 -11.64
CA MET B 111 -1.60 -1.55 -12.55
C MET B 111 -0.10 -1.45 -12.38
N LEU B 112 0.39 -0.42 -11.70
CA LEU B 112 1.82 -0.22 -11.57
C LEU B 112 2.48 -1.37 -10.82
N ASP B 113 2.02 -1.67 -9.60
CA ASP B 113 2.65 -2.77 -8.87
C ASP B 113 2.56 -4.11 -9.60
N PRO B 114 1.39 -4.61 -10.05
CA PRO B 114 1.36 -5.94 -10.71
C PRO B 114 2.25 -6.01 -11.93
N LEU B 115 2.32 -4.91 -12.69
CA LEU B 115 3.22 -4.82 -13.83
C LEU B 115 4.67 -4.93 -13.41
N GLU B 116 5.08 -4.12 -12.43
CA GLU B 116 6.44 -4.17 -11.90
C GLU B 116 6.80 -5.60 -11.49
N VAL B 117 5.89 -6.26 -10.77
CA VAL B 117 6.18 -7.63 -10.35
C VAL B 117 6.34 -8.56 -11.55
N HIS B 118 5.38 -8.54 -12.49
CA HIS B 118 5.50 -9.49 -13.60
C HIS B 118 6.56 -9.11 -14.63
N LEU B 119 6.98 -7.84 -14.69
CA LEU B 119 8.04 -7.42 -15.61
C LEU B 119 9.41 -7.36 -14.94
N LEU B 120 9.58 -8.06 -13.81
CA LEU B 120 10.88 -8.07 -13.13
C LEU B 120 12.00 -8.58 -14.00
N ASP B 121 11.70 -9.35 -15.05
CA ASP B 121 12.71 -9.90 -15.94
C ASP B 121 13.05 -8.96 -17.08
N PHE B 122 12.35 -7.82 -17.15
CA PHE B 122 12.61 -6.78 -18.13
C PHE B 122 12.96 -5.51 -17.36
N PRO B 123 14.18 -5.46 -16.80
CA PRO B 123 14.56 -4.31 -15.96
C PRO B 123 14.61 -2.98 -16.68
N ASN B 124 14.81 -2.94 -18.00
CA ASN B 124 14.92 -1.65 -18.71
C ASN B 124 13.57 -1.03 -19.07
N ILE B 125 12.44 -1.66 -18.80
CA ILE B 125 11.14 -1.08 -19.16
C ILE B 125 10.70 -0.09 -18.09
N VAL B 126 10.45 1.17 -18.50
CA VAL B 126 9.79 2.13 -17.62
C VAL B 126 8.30 1.84 -17.52
N ILE B 127 7.81 1.70 -16.29
CA ILE B 127 6.41 1.48 -15.99
C ILE B 127 5.93 2.70 -15.20
N LYS B 128 5.00 3.45 -15.77
CA LYS B 128 4.57 4.69 -15.12
C LYS B 128 3.12 4.95 -15.47
N GLY B 129 2.52 5.87 -14.70
CA GLY B 129 1.15 6.32 -14.95
C GLY B 129 1.12 7.58 -15.79
N SER B 130 -0.05 8.23 -15.78
CA SER B 130 -0.31 9.34 -16.69
C SER B 130 -1.14 10.42 -16.02
N GLU B 131 -0.72 11.67 -16.20
CA GLU B 131 -1.54 12.78 -15.72
C GLU B 131 -2.65 13.10 -16.71
N LEU B 132 -2.43 12.89 -18.00
CA LEU B 132 -3.49 13.01 -18.98
C LEU B 132 -4.48 11.88 -18.80
N GLN B 133 -5.76 12.20 -18.63
CA GLN B 133 -6.81 11.19 -18.53
C GLN B 133 -7.32 10.85 -19.94
N LEU B 134 -6.66 9.91 -20.58
CA LEU B 134 -6.98 9.49 -21.95
C LEU B 134 -8.14 8.48 -21.96
N PRO B 135 -9.20 8.70 -22.77
CA PRO B 135 -10.39 7.85 -22.73
C PRO B 135 -10.29 6.57 -23.55
N PHE B 136 -9.20 5.81 -23.34
CA PHE B 136 -9.05 4.54 -24.02
C PHE B 136 -10.15 3.54 -23.65
N GLN B 137 -10.77 3.70 -22.47
CA GLN B 137 -11.81 2.77 -22.08
C GLN B 137 -13.00 2.77 -23.04
N ALA B 138 -13.18 3.84 -23.82
CA ALA B 138 -14.29 3.92 -24.74
C ALA B 138 -14.05 3.11 -26.02
N CYS B 139 -12.95 2.36 -26.07
CA CYS B 139 -12.63 1.58 -27.25
C CYS B 139 -13.69 0.52 -27.54
N LEU B 140 -14.38 0.02 -26.51
CA LEU B 140 -15.38 -1.01 -26.72
C LEU B 140 -16.73 -0.46 -27.11
N LYS B 141 -16.93 0.86 -27.04
CA LYS B 141 -18.10 1.46 -27.67
C LYS B 141 -17.98 1.47 -29.20
N VAL B 142 -16.79 1.16 -29.74
CA VAL B 142 -16.65 0.90 -31.18
C VAL B 142 -17.23 -0.50 -31.44
N GLU B 143 -18.31 -0.56 -32.19
CA GLU B 143 -19.11 -1.79 -32.20
C GLU B 143 -18.34 -2.98 -32.77
N LYS B 144 -17.44 -2.74 -33.73
CA LYS B 144 -16.58 -3.80 -34.22
C LYS B 144 -15.85 -4.50 -33.08
N PHE B 145 -15.32 -3.71 -32.12
CA PHE B 145 -14.59 -4.23 -30.95
C PHE B 145 -15.53 -4.80 -29.89
N GLY B 146 -16.55 -4.03 -29.51
CA GLY B 146 -17.51 -4.51 -28.53
C GLY B 146 -18.11 -5.86 -28.89
N ASP B 147 -18.46 -6.06 -30.16
CA ASP B 147 -19.08 -7.31 -30.57
C ASP B 147 -18.08 -8.46 -30.65
N LEU B 148 -16.89 -8.22 -31.17
CA LEU B 148 -15.88 -9.27 -31.17
C LEU B 148 -15.58 -9.74 -29.74
N ILE B 149 -15.49 -8.80 -28.79
CA ILE B 149 -15.24 -9.18 -27.39
C ILE B 149 -16.44 -9.92 -26.84
N LEU B 150 -17.63 -9.35 -27.00
CA LEU B 150 -18.83 -9.94 -26.41
C LEU B 150 -19.01 -11.40 -26.81
N LYS B 151 -18.63 -11.75 -28.03
CA LYS B 151 -18.97 -13.04 -28.60
C LYS B 151 -17.80 -14.01 -28.64
N ALA B 152 -16.61 -13.58 -28.25
CA ALA B 152 -15.46 -14.49 -28.21
C ALA B 152 -15.81 -15.72 -27.38
N THR B 153 -15.34 -16.88 -27.82
CA THR B 153 -15.56 -18.12 -27.08
C THR B 153 -14.32 -18.64 -26.37
N GLU B 154 -13.21 -17.94 -26.48
CA GLU B 154 -11.93 -18.44 -25.99
C GLU B 154 -10.98 -17.24 -25.92
N PRO B 155 -9.97 -17.29 -25.05
CA PRO B 155 -9.03 -16.17 -24.99
C PRO B 155 -8.30 -16.05 -26.33
N GLN B 156 -8.08 -14.82 -26.77
CA GLN B 156 -7.43 -14.60 -28.05
C GLN B 156 -6.80 -13.22 -28.09
N MET B 157 -5.72 -13.10 -28.85
CA MET B 157 -5.06 -11.83 -29.11
C MET B 157 -5.35 -11.41 -30.55
N VAL B 158 -6.03 -10.28 -30.72
CA VAL B 158 -6.37 -9.78 -32.05
C VAL B 158 -5.70 -8.43 -32.26
N LEU B 159 -4.96 -8.31 -33.35
CA LEU B 159 -4.19 -7.13 -33.68
C LEU B 159 -4.98 -6.19 -34.58
N PHE B 160 -5.00 -4.90 -34.25
CA PHE B 160 -5.59 -3.87 -35.08
C PHE B 160 -4.59 -2.73 -35.27
N ASN B 161 -5.03 -1.71 -36.00
CA ASN B 161 -4.28 -0.46 -36.08
C ASN B 161 -5.27 0.70 -36.05
N LEU B 162 -5.21 1.50 -35.00
CA LEU B 162 -6.22 2.54 -34.78
C LEU B 162 -6.08 3.72 -35.72
N TYR B 163 -5.00 3.82 -36.50
CA TYR B 163 -4.84 4.96 -37.40
C TYR B 163 -5.21 4.65 -38.85
N ASP B 164 -5.84 3.50 -39.13
CA ASP B 164 -6.19 3.10 -40.49
C ASP B 164 -5.07 3.48 -41.47
N ASP B 165 -5.41 4.23 -42.53
CA ASP B 165 -4.41 4.70 -43.50
C ASP B 165 -4.01 6.17 -43.33
N TRP B 166 -4.36 6.80 -42.21
CA TRP B 166 -4.02 8.20 -41.96
C TRP B 166 -2.52 8.46 -42.03
N LEU B 167 -1.69 7.52 -41.56
CA LEU B 167 -0.27 7.83 -41.46
C LEU B 167 0.38 8.09 -42.81
N LYS B 168 -0.30 7.75 -43.91
CA LYS B 168 0.19 8.13 -45.23
C LYS B 168 0.04 9.62 -45.50
N THR B 169 -0.81 10.31 -44.74
CA THR B 169 -1.13 11.71 -45.01
C THR B 169 -1.03 12.64 -43.79
N ILE B 170 -0.95 12.11 -42.56
CA ILE B 170 -0.80 12.96 -41.38
C ILE B 170 0.25 12.36 -40.44
N SER B 171 0.73 13.18 -39.52
CA SER B 171 1.75 12.77 -38.58
C SER B 171 1.11 12.04 -37.41
N SER B 172 1.95 11.30 -36.68
CA SER B 172 1.50 10.53 -35.52
C SER B 172 0.86 11.42 -34.47
N TYR B 173 1.34 12.65 -34.32
CA TYR B 173 0.71 13.57 -33.38
C TYR B 173 -0.71 13.90 -33.82
N THR B 174 -0.88 14.36 -35.07
CA THR B 174 -2.21 14.64 -35.58
C THR B 174 -3.09 13.38 -35.53
N ALA B 175 -2.53 12.24 -35.95
CA ALA B 175 -3.28 10.98 -35.90
C ALA B 175 -3.77 10.68 -34.50
N PHE B 176 -2.87 10.80 -33.51
CA PHE B 176 -3.20 10.58 -32.11
C PHE B 176 -4.29 11.52 -31.63
N SER B 177 -4.11 12.83 -31.85
CA SER B 177 -5.13 13.83 -31.49
C SER B 177 -6.49 13.46 -32.07
N ARG B 178 -6.52 13.06 -33.35
CA ARG B 178 -7.79 12.64 -33.97
C ARG B 178 -8.38 11.43 -33.23
N LEU B 179 -7.56 10.42 -32.96
CA LEU B 179 -8.07 9.25 -32.23
C LEU B 179 -8.60 9.63 -30.85
N ILE B 180 -7.91 10.50 -30.12
CA ILE B 180 -8.38 10.81 -28.77
C ILE B 180 -9.67 11.63 -28.83
N LEU B 181 -9.77 12.52 -29.82
CA LEU B 181 -11.01 13.25 -30.03
C LEU B 181 -12.19 12.31 -30.23
N ILE B 182 -12.04 11.36 -31.16
CA ILE B 182 -13.12 10.37 -31.39
C ILE B 182 -13.44 9.63 -30.10
N LEU B 183 -12.41 9.12 -29.42
CA LEU B 183 -12.63 8.34 -28.20
C LEU B 183 -13.30 9.18 -27.13
N ARG B 184 -12.86 10.44 -26.96
CA ARG B 184 -13.48 11.27 -25.94
C ARG B 184 -14.92 11.60 -26.29
N ALA B 185 -15.18 11.80 -27.59
CA ALA B 185 -16.55 12.01 -28.05
C ALA B 185 -17.40 10.78 -27.80
N LEU B 186 -16.92 9.61 -28.25
CA LEU B 186 -17.60 8.35 -27.93
C LEU B 186 -17.78 8.17 -26.43
N HIS B 187 -16.87 8.73 -25.62
CA HIS B 187 -17.08 8.66 -24.20
C HIS B 187 -18.13 9.67 -23.74
N VAL B 188 -18.13 10.86 -24.33
CA VAL B 188 -19.10 11.89 -23.95
C VAL B 188 -20.54 11.41 -24.20
N ASN B 189 -20.90 11.16 -25.47
CA ASN B 189 -22.09 10.36 -25.75
C ASN B 189 -21.92 9.56 -27.04
N ASN B 190 -21.90 8.23 -26.88
CA ASN B 190 -21.88 7.27 -27.98
C ASN B 190 -22.75 7.70 -29.16
N ASP B 191 -24.00 8.05 -28.89
CA ASP B 191 -24.99 8.17 -29.97
C ASP B 191 -24.74 9.42 -30.81
N ARG B 192 -24.60 10.58 -30.17
CA ARG B 192 -24.38 11.83 -30.90
C ARG B 192 -23.12 11.76 -31.76
N ALA B 193 -22.09 11.07 -31.27
CA ALA B 193 -20.77 11.00 -31.89
C ALA B 193 -20.70 9.99 -33.03
N LYS B 194 -21.43 8.87 -32.92
CA LYS B 194 -21.46 7.92 -34.02
C LYS B 194 -22.20 8.53 -35.21
N VAL B 195 -23.22 9.35 -34.92
CA VAL B 195 -23.86 10.18 -35.94
C VAL B 195 -22.83 11.05 -36.65
N ILE B 196 -22.05 11.82 -35.87
CA ILE B 196 -21.06 12.73 -36.43
C ILE B 196 -20.03 12.00 -37.28
N LEU B 197 -19.79 10.72 -36.99
CA LEU B 197 -18.84 9.94 -37.79
C LEU B 197 -19.43 9.43 -39.09
N LYS B 198 -20.74 9.57 -39.29
CA LYS B 198 -21.38 9.26 -40.58
C LYS B 198 -22.01 10.54 -41.11
N PRO B 199 -21.20 11.46 -41.65
CA PRO B 199 -21.76 12.72 -42.19
C PRO B 199 -22.72 12.50 -43.34
N ASP B 200 -22.65 11.35 -43.99
CA ASP B 200 -23.34 11.10 -45.24
C ASP B 200 -23.77 9.64 -45.27
N LYS B 201 -24.93 9.38 -45.88
CA LYS B 201 -25.47 8.03 -45.85
C LYS B 201 -24.65 7.07 -46.69
N THR B 202 -23.87 7.58 -47.63
CA THR B 202 -22.91 6.78 -48.37
C THR B 202 -21.51 6.76 -47.74
N THR B 203 -21.28 7.45 -46.63
CA THR B 203 -19.97 7.36 -45.99
C THR B 203 -19.83 5.99 -45.33
N ILE B 204 -18.81 5.25 -45.75
CA ILE B 204 -18.63 3.86 -45.35
C ILE B 204 -17.23 3.72 -44.80
N THR B 205 -17.06 2.83 -43.83
CA THR B 205 -15.74 2.47 -43.37
C THR B 205 -15.33 1.14 -43.99
N GLU B 206 -14.08 1.07 -44.43
CA GLU B 206 -13.56 -0.08 -45.15
C GLU B 206 -13.58 -1.33 -44.26
N PRO B 207 -13.52 -2.53 -44.86
CA PRO B 207 -13.50 -3.73 -44.02
C PRO B 207 -12.29 -3.80 -43.09
N HIS B 208 -11.09 -3.48 -43.59
CA HIS B 208 -9.88 -3.58 -42.79
C HIS B 208 -9.58 -2.30 -41.99
N HIS B 209 -10.48 -1.32 -41.99
CA HIS B 209 -10.32 -0.10 -41.24
C HIS B 209 -11.21 -0.09 -40.01
N ILE B 210 -10.98 0.90 -39.15
CA ILE B 210 -11.72 1.04 -37.90
C ILE B 210 -12.65 2.23 -38.03
N TRP B 211 -12.24 3.24 -38.78
CA TRP B 211 -12.89 4.53 -38.79
C TRP B 211 -13.43 4.85 -40.18
N PRO B 212 -14.43 5.72 -40.30
CA PRO B 212 -15.07 5.95 -41.61
C PRO B 212 -14.11 6.56 -42.62
N THR B 213 -14.31 6.19 -43.89
CA THR B 213 -13.54 6.79 -44.97
C THR B 213 -14.06 8.19 -45.27
N LEU B 214 -13.22 9.20 -45.05
CA LEU B 214 -13.63 10.59 -45.17
C LEU B 214 -12.57 11.38 -45.93
N THR B 215 -13.02 12.43 -46.63
CA THR B 215 -12.09 13.35 -47.29
C THR B 215 -11.32 14.16 -46.27
N ASP B 216 -10.42 15.02 -46.78
CA ASP B 216 -9.62 15.83 -45.86
C ASP B 216 -10.47 16.92 -45.22
N GLU B 217 -11.46 17.44 -45.95
CA GLU B 217 -12.37 18.45 -45.42
C GLU B 217 -13.48 17.85 -44.57
N GLU B 218 -14.02 16.70 -44.98
CA GLU B 218 -14.93 15.97 -44.10
C GLU B 218 -14.29 15.71 -42.74
N TRP B 219 -13.03 15.26 -42.71
CA TRP B 219 -12.36 15.07 -41.44
C TRP B 219 -12.29 16.36 -40.63
N ILE B 220 -11.99 17.47 -41.32
CA ILE B 220 -12.04 18.77 -40.68
C ILE B 220 -13.43 19.03 -40.09
N LYS B 221 -14.47 18.78 -40.90
CA LYS B 221 -15.85 18.92 -40.45
C LYS B 221 -16.14 18.07 -39.21
N VAL B 222 -15.75 16.78 -39.26
CA VAL B 222 -16.06 15.88 -38.16
C VAL B 222 -15.32 16.30 -36.90
N GLU B 223 -14.07 16.74 -37.04
CA GLU B 223 -13.29 17.12 -35.85
C GLU B 223 -13.81 18.40 -35.21
N VAL B 224 -14.32 19.35 -36.00
CA VAL B 224 -14.99 20.52 -35.43
C VAL B 224 -16.17 20.09 -34.58
N GLN B 225 -17.02 19.22 -35.14
CA GLN B 225 -18.22 18.79 -34.43
C GLN B 225 -17.87 18.03 -33.16
N LEU B 226 -16.92 17.08 -33.24
CA LEU B 226 -16.54 16.33 -32.05
C LEU B 226 -16.00 17.26 -30.97
N LYS B 227 -15.25 18.31 -31.37
CA LYS B 227 -14.81 19.30 -30.40
C LYS B 227 -16.00 19.96 -29.70
N ASP B 228 -16.97 20.43 -30.48
CA ASP B 228 -18.15 21.07 -29.90
C ASP B 228 -18.93 20.11 -29.00
N LEU B 229 -18.98 18.84 -29.36
CA LEU B 229 -19.70 17.88 -28.53
C LEU B 229 -19.00 17.66 -27.21
N ILE B 230 -17.66 17.58 -27.23
CA ILE B 230 -16.89 17.45 -26.01
C ILE B 230 -17.02 18.69 -25.15
N LEU B 231 -16.87 19.87 -25.77
CA LEU B 231 -16.88 21.10 -24.98
C LEU B 231 -18.26 21.39 -24.40
N ALA B 232 -19.33 21.13 -25.17
CA ALA B 232 -20.67 21.29 -24.62
C ALA B 232 -20.91 20.38 -23.43
N ASP B 233 -20.23 19.24 -23.40
CA ASP B 233 -20.31 18.36 -22.23
C ASP B 233 -19.52 18.94 -21.06
N TYR B 234 -18.36 19.55 -21.33
CA TYR B 234 -17.59 20.18 -20.25
C TYR B 234 -18.38 21.32 -19.63
N GLY B 235 -18.91 22.22 -20.46
CA GLY B 235 -19.69 23.33 -19.94
C GLY B 235 -20.86 22.87 -19.09
N LYS B 236 -21.63 21.92 -19.60
CA LYS B 236 -22.79 21.43 -18.85
C LYS B 236 -22.36 20.71 -17.56
N LYS B 237 -21.25 19.99 -17.60
CA LYS B 237 -20.78 19.31 -16.39
C LYS B 237 -20.29 20.30 -15.35
N ASN B 238 -19.45 21.26 -15.76
CA ASN B 238 -18.79 22.19 -14.84
C ASN B 238 -19.51 23.53 -14.71
N ASN B 239 -20.62 23.74 -15.41
CA ASN B 239 -21.49 24.93 -15.26
C ASN B 239 -20.73 26.25 -15.44
N VAL B 240 -19.54 26.21 -16.04
CA VAL B 240 -18.78 27.40 -16.41
C VAL B 240 -18.72 27.42 -17.93
N ASN B 241 -19.89 27.57 -18.56
CA ASN B 241 -20.00 27.39 -20.01
C ASN B 241 -19.67 28.70 -20.70
N VAL B 242 -18.44 28.80 -21.19
CA VAL B 242 -18.01 29.94 -22.00
C VAL B 242 -17.28 29.40 -23.21
N ALA B 243 -17.40 30.11 -24.32
CA ALA B 243 -16.40 30.05 -25.36
C ALA B 243 -15.18 30.88 -25.00
N SER B 244 -15.19 31.45 -23.78
CA SER B 244 -14.23 32.49 -23.41
C SER B 244 -12.87 31.91 -23.03
N LEU B 245 -12.85 30.79 -22.33
CA LEU B 245 -11.59 30.17 -21.93
C LEU B 245 -11.28 29.05 -22.92
N THR B 246 -10.48 29.37 -23.95
CA THR B 246 -10.16 28.40 -24.99
C THR B 246 -8.77 28.55 -25.59
N GLN B 247 -7.93 29.50 -25.12
CA GLN B 247 -6.61 29.74 -25.71
C GLN B 247 -5.70 28.55 -25.43
N SER B 248 -5.85 27.51 -26.25
CA SER B 248 -5.23 26.20 -26.00
C SER B 248 -5.55 25.69 -24.60
N GLU B 249 -6.58 26.26 -23.97
CA GLU B 249 -7.25 25.59 -22.85
C GLU B 249 -8.05 24.40 -23.34
N ILE B 250 -8.50 24.46 -24.60
CA ILE B 250 -9.16 23.31 -25.23
C ILE B 250 -8.20 22.13 -25.30
N ARG B 251 -6.91 22.40 -25.56
CA ARG B 251 -5.92 21.32 -25.56
C ARG B 251 -5.96 20.56 -24.23
N ASP B 252 -6.12 21.29 -23.12
CA ASP B 252 -6.27 20.63 -21.82
C ASP B 252 -7.53 19.79 -21.79
N ILE B 253 -8.64 20.32 -22.31
CA ILE B 253 -9.89 19.58 -22.28
C ILE B 253 -9.76 18.29 -23.07
N ILE B 254 -9.35 18.39 -24.34
CA ILE B 254 -9.43 17.23 -25.23
C ILE B 254 -8.55 16.11 -24.74
N LEU B 255 -7.36 16.44 -24.23
CA LEU B 255 -6.42 15.43 -23.76
C LEU B 255 -6.69 14.96 -22.34
N GLY B 256 -7.41 15.73 -21.54
CA GLY B 256 -7.71 15.28 -20.19
C GLY B 256 -6.89 16.01 -19.15
N MET B 257 -6.91 17.35 -19.24
CA MET B 257 -6.25 18.30 -18.33
C MET B 257 -4.72 18.32 -18.50
#